data_2M2G
#
_entry.id   2M2G
#
_entity_poly.entity_id   1
_entity_poly.type   'polypeptide(L)'
_entity_poly.pdbx_seq_one_letter_code
;GV(ABA)RCVCRRGVCRCV(ABA)RR
;
_entity_poly.pdbx_strand_id   A
#
# COMPACT_ATOMS: atom_id res chain seq x y z
N GLY A 1 -6.60 1.94 -9.27
CA GLY A 1 -6.70 0.72 -10.01
C GLY A 1 -5.55 -0.21 -9.74
N VAL A 2 -4.36 0.32 -9.51
CA VAL A 2 -3.23 -0.56 -9.27
C VAL A 2 -2.96 -0.71 -7.78
N ABA A 3 -3.03 -1.91 -7.30
CA ABA A 3 -2.81 -2.18 -5.90
C ABA A 3 -1.34 -2.21 -5.63
O ABA A 3 -0.61 -3.02 -6.20
CB ABA A 3 -3.47 -3.50 -5.49
CG ABA A 3 -3.31 -3.82 -4.02
H ABA A 3 -3.20 -2.68 -7.89
HA ABA A 3 -3.25 -1.38 -5.33
HB3 ABA A 3 -3.02 -4.31 -6.05
HB2 ABA A 3 -4.53 -3.47 -5.70
HG1 ABA A 3 -3.79 -4.78 -3.79
HG3 ABA A 3 -2.26 -3.88 -3.77
HG2 ABA A 3 -3.78 -3.05 -3.43
N ARG A 4 -0.89 -1.31 -4.81
CA ARG A 4 0.50 -1.23 -4.44
C ARG A 4 0.56 -1.34 -2.95
N CYS A 5 1.49 -2.05 -2.45
CA CYS A 5 1.59 -2.18 -1.05
C CYS A 5 2.73 -1.35 -0.54
N VAL A 6 2.44 -0.57 0.42
CA VAL A 6 3.38 0.36 0.98
C VAL A 6 3.61 0.03 2.44
N CYS A 7 4.85 -0.10 2.81
CA CYS A 7 5.19 -0.29 4.19
C CYS A 7 5.74 0.99 4.72
N ARG A 8 5.29 1.35 5.87
CA ARG A 8 5.69 2.59 6.47
C ARG A 8 5.65 2.48 7.98
N ARG A 9 6.83 2.53 8.57
CA ARG A 9 7.07 2.52 10.01
C ARG A 9 6.33 1.37 10.70
N GLY A 10 6.54 0.17 10.22
CA GLY A 10 5.96 -0.98 10.83
C GLY A 10 4.59 -1.33 10.28
N VAL A 11 3.99 -0.44 9.53
CA VAL A 11 2.66 -0.69 9.01
C VAL A 11 2.78 -1.01 7.54
N CYS A 12 2.31 -2.16 7.15
CA CYS A 12 2.29 -2.50 5.77
C CYS A 12 0.88 -2.49 5.26
N ARG A 13 0.63 -1.66 4.30
CA ARG A 13 -0.70 -1.43 3.80
C ARG A 13 -0.77 -1.65 2.31
N CYS A 14 -1.60 -2.58 1.90
CA CYS A 14 -1.88 -2.72 0.50
C CYS A 14 -2.99 -1.78 0.14
N VAL A 15 -2.70 -0.90 -0.76
CA VAL A 15 -3.64 0.12 -1.11
C VAL A 15 -3.82 0.26 -2.62
N ABA A 16 -5.05 0.49 -3.04
CA ABA A 16 -5.35 0.68 -4.43
C ABA A 16 -5.01 2.09 -4.83
O ABA A 16 -5.49 3.07 -4.24
CB ABA A 16 -6.84 0.39 -4.70
CG ABA A 16 -7.24 0.52 -6.16
H ABA A 16 -5.77 0.53 -2.38
HA ABA A 16 -4.76 -0.01 -5.00
HB3 ABA A 16 -7.44 1.07 -4.12
HB2 ABA A 16 -7.06 -0.63 -4.39
HG1 ABA A 16 -6.67 -0.17 -6.76
HG3 ABA A 16 -7.04 1.53 -6.49
HG2 ABA A 16 -8.29 0.30 -6.26
N ARG A 17 -4.15 2.22 -5.79
CA ARG A 17 -3.74 3.47 -6.31
C ARG A 17 -4.32 3.60 -7.72
N ARG A 18 -5.56 4.07 -7.78
CA ARG A 18 -6.32 4.32 -9.01
C ARG A 18 -6.37 3.07 -9.90
N GLY A 1 -6.80 1.69 -9.15
CA GLY A 1 -7.03 0.29 -9.43
C GLY A 1 -5.79 -0.57 -9.24
N VAL A 2 -4.62 0.07 -9.19
CA VAL A 2 -3.38 -0.63 -9.02
C VAL A 2 -3.07 -0.74 -7.54
N ABA A 3 -3.31 -1.90 -7.00
CA ABA A 3 -3.07 -2.15 -5.62
C ABA A 3 -1.60 -2.44 -5.40
O ABA A 3 -1.08 -3.47 -5.84
CB ABA A 3 -3.94 -3.32 -5.12
CG ABA A 3 -3.82 -3.58 -3.63
H ABA A 3 -3.65 -2.63 -7.56
HA ABA A 3 -3.33 -1.26 -5.06
HB3 ABA A 3 -3.64 -4.22 -5.64
HB2 ABA A 3 -4.97 -3.12 -5.34
HG1 ABA A 3 -4.45 -4.41 -3.35
HG3 ABA A 3 -4.14 -2.70 -3.09
HG2 ABA A 3 -2.79 -3.80 -3.38
N ARG A 4 -0.93 -1.53 -4.77
CA ARG A 4 0.46 -1.67 -4.46
C ARG A 4 0.61 -1.49 -2.99
N CYS A 5 1.53 -2.17 -2.40
CA CYS A 5 1.65 -2.08 -0.97
C CYS A 5 2.84 -1.24 -0.60
N VAL A 6 2.63 -0.44 0.40
CA VAL A 6 3.62 0.47 0.91
C VAL A 6 3.82 0.17 2.37
N CYS A 7 5.04 -0.01 2.78
CA CYS A 7 5.30 -0.29 4.16
C CYS A 7 5.86 0.93 4.85
N ARG A 8 5.28 1.24 5.96
CA ARG A 8 5.62 2.41 6.71
C ARG A 8 5.14 2.25 8.15
N ARG A 9 5.89 2.80 9.08
CA ARG A 9 5.64 2.75 10.52
C ARG A 9 5.65 1.29 11.01
N GLY A 10 6.42 0.48 10.31
CA GLY A 10 6.53 -0.91 10.66
C GLY A 10 5.34 -1.76 10.20
N VAL A 11 4.43 -1.19 9.44
CA VAL A 11 3.28 -1.94 8.94
C VAL A 11 3.22 -1.82 7.44
N CYS A 12 2.43 -2.63 6.80
CA CYS A 12 2.33 -2.60 5.37
C CYS A 12 0.91 -2.39 4.96
N ARG A 13 0.69 -1.35 4.21
CA ARG A 13 -0.62 -0.98 3.76
C ARG A 13 -0.72 -1.20 2.28
N CYS A 14 -1.74 -1.88 1.85
CA CYS A 14 -1.94 -2.05 0.45
C CYS A 14 -2.89 -1.02 -0.06
N VAL A 15 -2.37 -0.18 -0.90
CA VAL A 15 -3.09 0.98 -1.36
C VAL A 15 -3.52 0.80 -2.82
N ABA A 16 -4.80 0.96 -3.07
CA ABA A 16 -5.34 0.88 -4.41
C ABA A 16 -5.20 2.21 -5.11
O ABA A 16 -6.04 3.12 -4.96
CB ABA A 16 -6.81 0.44 -4.39
CG ABA A 16 -7.02 -0.95 -3.83
H ABA A 16 -5.41 1.14 -2.32
HA ABA A 16 -4.77 0.15 -4.96
HB3 ABA A 16 -7.20 0.45 -5.40
HB2 ABA A 16 -7.38 1.13 -3.78
HG1 ABA A 16 -6.67 -0.99 -2.81
HG3 ABA A 16 -6.50 -1.68 -4.42
HG2 ABA A 16 -8.08 -1.19 -3.84
N ARG A 17 -4.14 2.35 -5.85
CA ARG A 17 -3.86 3.58 -6.56
C ARG A 17 -4.33 3.44 -7.99
N ARG A 18 -5.51 3.99 -8.27
CA ARG A 18 -6.12 3.96 -9.60
C ARG A 18 -6.32 2.50 -10.05
N GLY A 1 -6.12 1.97 -9.20
CA GLY A 1 -6.34 0.72 -9.85
C GLY A 1 -5.23 -0.28 -9.58
N VAL A 2 -4.06 0.21 -9.25
CA VAL A 2 -2.93 -0.67 -8.98
C VAL A 2 -2.84 -0.91 -7.49
N ABA A 3 -3.31 -2.05 -7.04
CA ABA A 3 -3.20 -2.39 -5.64
C ABA A 3 -1.74 -2.63 -5.30
O ABA A 3 -1.15 -3.65 -5.69
CB ABA A 3 -4.05 -3.61 -5.27
CG ABA A 3 -4.02 -3.95 -3.80
H ABA A 3 -3.74 -2.68 -7.66
HA ABA A 3 -3.52 -1.54 -5.07
HB3 ABA A 3 -3.69 -4.47 -5.83
HB2 ABA A 3 -5.08 -3.42 -5.55
HG1 ABA A 3 -3.00 -4.15 -3.50
HG3 ABA A 3 -4.63 -4.84 -3.63
HG2 ABA A 3 -4.40 -3.13 -3.22
N ARG A 4 -1.17 -1.70 -4.62
CA ARG A 4 0.20 -1.74 -4.26
C ARG A 4 0.29 -1.43 -2.80
N CYS A 5 1.19 -2.02 -2.12
CA CYS A 5 1.23 -1.85 -0.72
C CYS A 5 2.28 -0.85 -0.33
N VAL A 6 1.89 0.00 0.56
CA VAL A 6 2.75 1.07 1.03
C VAL A 6 3.18 0.72 2.44
N CYS A 7 4.45 0.74 2.67
CA CYS A 7 4.95 0.40 3.96
C CYS A 7 5.37 1.63 4.68
N ARG A 8 4.89 1.73 5.87
CA ARG A 8 5.17 2.86 6.69
C ARG A 8 5.19 2.45 8.13
N ARG A 9 6.32 2.71 8.78
CA ARG A 9 6.53 2.45 10.19
C ARG A 9 6.34 0.95 10.50
N GLY A 10 6.85 0.12 9.61
CA GLY A 10 6.78 -1.30 9.76
C GLY A 10 5.44 -1.89 9.37
N VAL A 11 4.51 -1.04 9.01
CA VAL A 11 3.18 -1.48 8.64
C VAL A 11 3.06 -1.42 7.15
N CYS A 12 2.74 -2.50 6.54
CA CYS A 12 2.53 -2.47 5.14
C CYS A 12 1.06 -2.57 4.88
N ARG A 13 0.56 -1.57 4.26
CA ARG A 13 -0.84 -1.46 3.99
C ARG A 13 -1.07 -1.50 2.51
N CYS A 14 -1.93 -2.38 2.09
CA CYS A 14 -2.21 -2.50 0.69
C CYS A 14 -3.33 -1.57 0.29
N VAL A 15 -3.01 -0.70 -0.64
CA VAL A 15 -3.92 0.34 -1.06
C VAL A 15 -4.07 0.31 -2.57
N ABA A 16 -5.25 0.59 -3.06
CA ABA A 16 -5.47 0.69 -4.48
C ABA A 16 -4.93 2.01 -4.98
O ABA A 16 -5.52 3.08 -4.78
CB ABA A 16 -6.95 0.54 -4.82
CG ABA A 16 -7.53 -0.82 -4.46
H ABA A 16 -6.00 0.76 -2.45
HA ABA A 16 -4.92 -0.10 -4.95
HB3 ABA A 16 -7.10 0.68 -5.89
HB2 ABA A 16 -7.52 1.29 -4.29
HG1 ABA A 16 -8.58 -0.85 -4.72
HG3 ABA A 16 -7.41 -0.98 -3.39
HG2 ABA A 16 -7.00 -1.59 -4.99
N ARG A 17 -3.78 1.95 -5.59
CA ARG A 17 -3.09 3.11 -6.10
C ARG A 17 -3.54 3.31 -7.54
N ARG A 18 -4.71 3.93 -7.68
CA ARG A 18 -5.32 4.24 -8.97
C ARG A 18 -5.48 2.95 -9.80
N GLY A 1 -6.56 1.50 -9.96
CA GLY A 1 -6.71 0.16 -10.42
C GLY A 1 -5.62 -0.78 -9.95
N VAL A 2 -4.47 -0.24 -9.60
CA VAL A 2 -3.33 -1.08 -9.24
C VAL A 2 -3.14 -1.11 -7.72
N ABA A 3 -3.03 -2.31 -7.19
CA ABA A 3 -2.80 -2.50 -5.77
C ABA A 3 -1.34 -2.24 -5.44
O ABA A 3 -0.46 -3.02 -5.78
CB ABA A 3 -3.20 -3.93 -5.36
CG ABA A 3 -2.93 -4.26 -3.90
H ABA A 3 -3.09 -3.10 -7.76
HA ABA A 3 -3.41 -1.80 -5.22
HB3 ABA A 3 -2.65 -4.64 -5.97
HB2 ABA A 3 -4.25 -4.06 -5.53
HG1 ABA A 3 -3.28 -5.27 -3.70
HG3 ABA A 3 -3.46 -3.55 -3.29
HG2 ABA A 3 -1.87 -4.19 -3.71
N ARG A 4 -1.08 -1.13 -4.81
CA ARG A 4 0.26 -0.79 -4.43
C ARG A 4 0.37 -0.73 -2.94
N CYS A 5 1.42 -1.23 -2.41
CA CYS A 5 1.55 -1.23 -0.99
C CYS A 5 2.66 -0.31 -0.56
N VAL A 6 2.43 0.33 0.55
CA VAL A 6 3.39 1.23 1.16
C VAL A 6 3.56 0.79 2.61
N CYS A 7 4.77 0.49 2.99
CA CYS A 7 5.03 0.08 4.34
C CYS A 7 5.68 1.19 5.12
N ARG A 8 5.31 1.30 6.38
CA ARG A 8 5.80 2.36 7.20
C ARG A 8 5.91 1.94 8.65
N ARG A 9 7.13 1.97 9.16
CA ARG A 9 7.48 1.72 10.56
C ARG A 9 6.96 0.35 11.04
N GLY A 10 7.01 -0.63 10.18
CA GLY A 10 6.62 -1.95 10.55
C GLY A 10 5.25 -2.36 10.06
N VAL A 11 4.43 -1.42 9.63
CA VAL A 11 3.10 -1.79 9.15
C VAL A 11 3.05 -1.62 7.66
N CYS A 12 2.13 -2.25 7.03
CA CYS A 12 2.01 -2.16 5.63
C CYS A 12 0.60 -1.82 5.23
N ARG A 13 0.49 -0.78 4.48
CA ARG A 13 -0.77 -0.32 4.00
C ARG A 13 -0.84 -0.58 2.53
N CYS A 14 -1.57 -1.57 2.16
CA CYS A 14 -1.82 -1.81 0.79
C CYS A 14 -2.98 -0.98 0.36
N VAL A 15 -2.83 -0.28 -0.71
CA VAL A 15 -3.86 0.55 -1.22
C VAL A 15 -3.94 0.48 -2.74
N ABA A 16 -5.12 0.26 -3.24
CA ABA A 16 -5.31 0.24 -4.66
C ABA A 16 -5.46 1.66 -5.16
O ABA A 16 -6.29 2.45 -4.67
CB ABA A 16 -6.50 -0.65 -5.07
CG ABA A 16 -7.81 -0.29 -4.41
H ABA A 16 -5.88 0.11 -2.65
HA ABA A 16 -4.40 -0.15 -5.09
HB3 ABA A 16 -6.26 -1.67 -4.80
HB2 ABA A 16 -6.63 -0.60 -6.14
HG1 ABA A 16 -8.05 0.73 -4.67
HG3 ABA A 16 -7.72 -0.38 -3.34
HG2 ABA A 16 -8.58 -0.95 -4.77
N ARG A 17 -4.62 2.01 -6.08
CA ARG A 17 -4.61 3.33 -6.62
C ARG A 17 -4.72 3.21 -8.12
N ARG A 18 -5.77 3.80 -8.66
CA ARG A 18 -6.03 3.85 -10.10
C ARG A 18 -6.04 2.44 -10.72
N GLY A 1 -6.67 2.00 -10.12
CA GLY A 1 -6.18 0.95 -10.97
C GLY A 1 -4.79 0.45 -10.58
N VAL A 2 -4.27 0.92 -9.46
CA VAL A 2 -2.95 0.53 -9.01
C VAL A 2 -3.08 -0.31 -7.75
N ABA A 3 -2.32 -1.40 -7.70
CA ABA A 3 -2.31 -2.24 -6.54
C ABA A 3 -0.87 -2.50 -6.11
O ABA A 3 -0.11 -3.20 -6.80
CB ABA A 3 -3.03 -3.57 -6.81
CG ABA A 3 -3.16 -4.47 -5.61
H ABA A 3 -1.75 -1.63 -8.44
HA ABA A 3 -2.82 -1.73 -5.73
HB3 ABA A 3 -2.49 -4.11 -7.58
HB2 ABA A 3 -4.03 -3.36 -7.17
HG1 ABA A 3 -3.73 -3.97 -4.84
HG3 ABA A 3 -2.17 -4.70 -5.23
HG2 ABA A 3 -3.65 -5.39 -5.89
N ARG A 4 -0.48 -1.89 -5.02
CA ARG A 4 0.86 -2.02 -4.48
C ARG A 4 0.83 -1.75 -2.99
N CYS A 5 1.52 -2.55 -2.21
CA CYS A 5 1.59 -2.30 -0.80
C CYS A 5 2.94 -1.72 -0.43
N VAL A 6 2.92 -0.82 0.49
CA VAL A 6 4.11 -0.16 0.99
C VAL A 6 4.10 -0.32 2.49
N CYS A 7 5.24 -0.48 3.12
CA CYS A 7 5.26 -0.60 4.55
C CYS A 7 6.13 0.47 5.14
N ARG A 8 5.69 1.03 6.22
CA ARG A 8 6.39 2.10 6.86
C ARG A 8 6.13 2.05 8.36
N ARG A 9 7.21 1.96 9.13
CA ARG A 9 7.17 1.94 10.60
C ARG A 9 6.44 0.67 11.09
N GLY A 10 6.59 -0.39 10.31
CA GLY A 10 5.99 -1.65 10.62
C GLY A 10 4.54 -1.72 10.19
N VAL A 11 4.03 -0.62 9.69
CA VAL A 11 2.65 -0.52 9.31
C VAL A 11 2.58 -0.61 7.80
N CYS A 12 1.85 -1.55 7.31
CA CYS A 12 1.73 -1.73 5.91
C CYS A 12 0.49 -1.07 5.42
N ARG A 13 0.62 -0.47 4.31
CA ARG A 13 -0.39 0.32 3.73
C ARG A 13 -0.55 -0.14 2.29
N CYS A 14 -1.64 -0.80 2.02
CA CYS A 14 -1.88 -1.29 0.70
C CYS A 14 -2.68 -0.33 -0.11
N VAL A 15 -2.12 0.07 -1.20
CA VAL A 15 -2.77 0.96 -2.09
C VAL A 15 -3.35 0.13 -3.21
N ABA A 16 -4.63 0.01 -3.21
CA ABA A 16 -5.34 -0.68 -4.23
C ABA A 16 -6.47 0.23 -4.67
O ABA A 16 -7.59 0.15 -4.16
CB ABA A 16 -5.88 -2.04 -3.72
CG ABA A 16 -6.58 -2.87 -4.77
H ABA A 16 -5.13 0.42 -2.48
HA ABA A 16 -4.68 -0.84 -5.08
HB3 ABA A 16 -6.58 -1.84 -2.92
HB2 ABA A 16 -5.06 -2.61 -3.33
HG1 ABA A 16 -7.43 -2.33 -5.16
HG3 ABA A 16 -6.92 -3.80 -4.32
HG2 ABA A 16 -5.89 -3.08 -5.57
N ARG A 17 -6.12 1.13 -5.53
CA ARG A 17 -7.01 2.17 -5.97
C ARG A 17 -6.39 2.85 -7.17
N ARG A 18 -7.22 3.51 -7.97
CA ARG A 18 -6.81 4.23 -9.18
C ARG A 18 -6.21 3.23 -10.20
N GLY A 1 -6.51 1.96 -9.01
CA GLY A 1 -6.76 0.64 -9.53
C GLY A 1 -5.58 -0.32 -9.35
N VAL A 2 -4.39 0.22 -9.11
CA VAL A 2 -3.22 -0.62 -8.95
C VAL A 2 -2.97 -0.86 -7.46
N ABA A 3 -2.94 -2.12 -7.07
CA ABA A 3 -2.72 -2.48 -5.68
C ABA A 3 -1.25 -2.27 -5.29
O ABA A 3 -0.45 -3.20 -5.30
CB ABA A 3 -3.19 -3.91 -5.41
CG ABA A 3 -3.14 -4.34 -3.95
H ABA A 3 -3.05 -2.84 -7.72
HA ABA A 3 -3.32 -1.79 -5.08
HB3 ABA A 3 -2.59 -4.59 -5.99
HB2 ABA A 3 -4.22 -4.01 -5.73
HG1 ABA A 3 -3.49 -5.36 -3.86
HG3 ABA A 3 -3.76 -3.68 -3.36
HG2 ABA A 3 -2.12 -4.27 -3.61
N ARG A 4 -0.93 -1.05 -5.00
CA ARG A 4 0.39 -0.63 -4.61
C ARG A 4 0.55 -0.86 -3.12
N CYS A 5 1.36 -1.81 -2.76
CA CYS A 5 1.54 -2.06 -1.37
C CYS A 5 2.75 -1.34 -0.89
N VAL A 6 2.63 -0.76 0.25
CA VAL A 6 3.69 0.02 0.83
C VAL A 6 3.80 -0.29 2.32
N CYS A 7 5.00 -0.35 2.80
CA CYS A 7 5.22 -0.53 4.21
C CYS A 7 5.87 0.71 4.75
N ARG A 8 5.30 1.21 5.78
CA ARG A 8 5.76 2.44 6.39
C ARG A 8 5.48 2.44 7.87
N ARG A 9 6.50 2.75 8.66
CA ARG A 9 6.41 2.88 10.13
C ARG A 9 6.06 1.53 10.78
N GLY A 10 6.34 0.46 10.07
CA GLY A 10 6.04 -0.86 10.55
C GLY A 10 4.66 -1.31 10.14
N VAL A 11 3.97 -0.48 9.39
CA VAL A 11 2.65 -0.80 8.94
C VAL A 11 2.69 -1.09 7.46
N CYS A 12 2.27 -2.24 7.08
CA CYS A 12 2.21 -2.57 5.70
C CYS A 12 0.77 -2.46 5.27
N ARG A 13 0.55 -1.82 4.17
CA ARG A 13 -0.77 -1.63 3.70
C ARG A 13 -0.81 -1.66 2.19
N CYS A 14 -1.66 -2.49 1.65
CA CYS A 14 -1.89 -2.50 0.26
C CYS A 14 -2.95 -1.51 -0.07
N VAL A 15 -2.58 -0.54 -0.81
CA VAL A 15 -3.49 0.53 -1.13
C VAL A 15 -3.80 0.50 -2.60
N ABA A 16 -5.05 0.51 -2.93
CA ABA A 16 -5.48 0.56 -4.29
C ABA A 16 -5.25 1.97 -4.80
O ABA A 16 -5.97 2.91 -4.47
CB ABA A 16 -6.96 0.17 -4.41
CG ABA A 16 -7.46 0.09 -5.83
H ABA A 16 -5.73 0.51 -2.22
HA ABA A 16 -4.88 -0.13 -4.86
HB3 ABA A 16 -7.55 0.90 -3.88
HB2 ABA A 16 -7.10 -0.79 -3.95
HG1 ABA A 16 -7.30 1.03 -6.33
HG3 ABA A 16 -8.51 -0.15 -5.83
HG2 ABA A 16 -6.93 -0.69 -6.35
N ARG A 17 -4.19 2.13 -5.54
CA ARG A 17 -3.78 3.39 -6.06
C ARG A 17 -4.17 3.46 -7.51
N ARG A 18 -5.32 4.06 -7.76
CA ARG A 18 -5.86 4.27 -9.09
C ARG A 18 -6.08 2.92 -9.79
N GLY A 1 -6.51 1.71 -10.00
CA GLY A 1 -5.87 0.61 -10.67
C GLY A 1 -4.49 0.30 -10.13
N VAL A 2 -3.98 1.15 -9.28
CA VAL A 2 -2.68 0.93 -8.70
C VAL A 2 -2.82 0.13 -7.44
N ABA A 3 -2.44 -1.12 -7.52
CA ABA A 3 -2.44 -2.03 -6.41
C ABA A 3 -0.99 -2.33 -6.03
O ABA A 3 -0.26 -2.97 -6.81
CB ABA A 3 -3.19 -3.31 -6.77
CG ABA A 3 -3.22 -4.34 -5.67
H ABA A 3 -2.13 -1.45 -8.39
HA ABA A 3 -2.93 -1.54 -5.58
HB3 ABA A 3 -2.72 -3.75 -7.64
HB2 ABA A 3 -4.21 -3.06 -7.02
HG1 ABA A 3 -3.80 -5.20 -5.99
HG3 ABA A 3 -3.68 -3.93 -4.78
HG2 ABA A 3 -2.21 -4.65 -5.43
N ARG A 4 -0.58 -1.83 -4.90
CA ARG A 4 0.76 -2.03 -4.39
C ARG A 4 0.74 -1.91 -2.89
N CYS A 5 1.44 -2.77 -2.21
CA CYS A 5 1.53 -2.67 -0.79
C CYS A 5 2.82 -1.98 -0.42
N VAL A 6 2.74 -1.18 0.59
CA VAL A 6 3.86 -0.40 1.05
C VAL A 6 4.01 -0.59 2.54
N CYS A 7 5.19 -0.89 2.98
CA CYS A 7 5.43 -0.99 4.40
C CYS A 7 6.19 0.23 4.84
N ARG A 8 5.74 0.80 5.91
CA ARG A 8 6.28 2.03 6.41
C ARG A 8 5.92 2.19 7.85
N ARG A 9 6.88 2.60 8.67
CA ARG A 9 6.67 2.92 10.08
C ARG A 9 6.18 1.69 10.88
N GLY A 10 6.44 0.52 10.34
CA GLY A 10 6.07 -0.70 10.98
C GLY A 10 4.76 -1.28 10.49
N VAL A 11 4.05 -0.54 9.67
CA VAL A 11 2.77 -1.02 9.19
C VAL A 11 2.83 -1.19 7.70
N CYS A 12 2.01 -2.04 7.19
CA CYS A 12 1.98 -2.26 5.79
C CYS A 12 0.61 -1.92 5.28
N ARG A 13 0.57 -0.98 4.39
CA ARG A 13 -0.66 -0.48 3.84
C ARG A 13 -0.75 -0.92 2.40
N CYS A 14 -1.82 -1.57 2.04
CA CYS A 14 -2.01 -1.92 0.67
C CYS A 14 -2.81 -0.89 -0.06
N VAL A 15 -2.17 -0.26 -0.99
CA VAL A 15 -2.75 0.80 -1.75
C VAL A 15 -3.43 0.21 -2.96
N ABA A 16 -4.72 0.46 -3.08
CA ABA A 16 -5.52 0.00 -4.20
C ABA A 16 -6.31 1.20 -4.68
O ABA A 16 -7.48 1.37 -4.31
CB ABA A 16 -6.48 -1.12 -3.77
CG ABA A 16 -5.80 -2.36 -3.25
H ABA A 16 -5.15 0.98 -2.37
HA ABA A 16 -4.86 -0.34 -4.98
HB3 ABA A 16 -7.08 -1.40 -4.62
HB2 ABA A 16 -7.12 -0.75 -3.00
HG1 ABA A 16 -5.18 -2.79 -4.02
HG3 ABA A 16 -6.55 -3.09 -2.95
HG2 ABA A 16 -5.18 -2.12 -2.39
N ARG A 17 -5.70 2.03 -5.49
CA ARG A 17 -6.33 3.26 -5.92
C ARG A 17 -6.06 3.53 -7.40
N ARG A 18 -7.14 3.68 -8.15
CA ARG A 18 -7.13 4.00 -9.58
C ARG A 18 -6.30 2.95 -10.36
N GLY A 1 -6.43 1.81 -9.30
CA GLY A 1 -6.49 0.52 -9.89
C GLY A 1 -5.26 -0.33 -9.59
N VAL A 2 -4.10 0.31 -9.49
CA VAL A 2 -2.84 -0.40 -9.29
C VAL A 2 -2.65 -0.77 -7.83
N ABA A 3 -2.79 -2.04 -7.54
CA ABA A 3 -2.70 -2.53 -6.18
C ABA A 3 -1.24 -2.61 -5.74
O ABA A 3 -0.47 -3.45 -6.21
CB ABA A 3 -3.37 -3.90 -6.06
CG ABA A 3 -3.36 -4.47 -4.66
H ABA A 3 -2.95 -2.66 -8.27
HA ABA A 3 -3.21 -1.84 -5.53
HB3 ABA A 3 -2.86 -4.60 -6.71
HB2 ABA A 3 -4.40 -3.82 -6.37
HG1 ABA A 3 -3.81 -5.44 -4.65
HG3 ABA A 3 -3.89 -3.81 -4.00
HG2 ABA A 3 -2.33 -4.54 -4.31
N ARG A 4 -0.87 -1.72 -4.86
CA ARG A 4 0.46 -1.69 -4.30
C ARG A 4 0.36 -1.38 -2.83
N CYS A 5 1.34 -1.75 -2.09
CA CYS A 5 1.26 -1.59 -0.67
C CYS A 5 2.22 -0.54 -0.19
N VAL A 6 1.80 0.16 0.81
CA VAL A 6 2.58 1.20 1.41
C VAL A 6 3.08 0.68 2.74
N CYS A 7 4.36 0.54 2.86
CA CYS A 7 4.96 0.07 4.09
C CYS A 7 5.73 1.17 4.72
N ARG A 8 5.45 1.39 5.97
CA ARG A 8 6.09 2.45 6.71
C ARG A 8 5.90 2.23 8.19
N ARG A 9 6.94 2.54 8.96
CA ARG A 9 6.96 2.37 10.43
C ARG A 9 6.78 0.88 10.82
N GLY A 10 7.08 0.00 9.88
CA GLY A 10 6.96 -1.41 10.11
C GLY A 10 5.58 -1.96 9.80
N VAL A 11 4.66 -1.11 9.37
CA VAL A 11 3.33 -1.57 9.05
C VAL A 11 3.10 -1.39 7.57
N CYS A 12 2.35 -2.26 6.98
CA CYS A 12 2.07 -2.16 5.58
C CYS A 12 0.58 -2.07 5.38
N ARG A 13 0.16 -1.33 4.41
CA ARG A 13 -1.22 -1.23 4.05
C ARG A 13 -1.34 -1.24 2.55
N CYS A 14 -2.11 -2.14 2.02
CA CYS A 14 -2.27 -2.28 0.61
C CYS A 14 -3.40 -1.43 0.11
N VAL A 15 -3.07 -0.55 -0.81
CA VAL A 15 -4.04 0.40 -1.33
C VAL A 15 -4.02 0.32 -2.85
N ABA A 16 -5.18 0.22 -3.44
CA ABA A 16 -5.32 0.19 -4.86
C ABA A 16 -5.20 1.59 -5.38
O ABA A 16 -6.13 2.39 -5.31
CB ABA A 16 -6.67 -0.42 -5.26
CG ABA A 16 -6.87 -1.83 -4.74
H ABA A 16 -5.99 0.19 -2.88
HA ABA A 16 -4.52 -0.42 -5.27
HB3 ABA A 16 -6.75 -0.44 -6.34
HB2 ABA A 16 -7.46 0.19 -4.86
HG1 ABA A 16 -6.77 -1.83 -3.67
HG3 ABA A 16 -6.12 -2.48 -5.17
HG2 ABA A 16 -7.85 -2.17 -5.02
N ARG A 17 -4.03 1.92 -5.87
CA ARG A 17 -3.74 3.26 -6.31
C ARG A 17 -4.21 3.43 -7.74
N ARG A 18 -5.43 3.96 -7.89
CA ARG A 18 -6.05 4.20 -9.19
C ARG A 18 -6.08 2.87 -9.99
N GLY A 1 -6.08 2.28 -9.10
CA GLY A 1 -6.58 1.03 -9.63
C GLY A 1 -5.57 -0.10 -9.58
N VAL A 2 -4.38 0.17 -9.09
CA VAL A 2 -3.34 -0.83 -9.03
C VAL A 2 -3.07 -1.17 -7.56
N ABA A 3 -2.97 -2.45 -7.25
CA ABA A 3 -2.76 -2.85 -5.88
C ABA A 3 -1.27 -2.76 -5.52
O ABA A 3 -0.55 -3.76 -5.49
CB ABA A 3 -3.32 -4.27 -5.65
CG ABA A 3 -3.28 -4.74 -4.20
H ABA A 3 -2.99 -3.14 -7.95
HA ABA A 3 -3.30 -2.16 -5.26
HB3 ABA A 3 -2.74 -4.98 -6.24
HB2 ABA A 3 -4.35 -4.30 -5.97
HG1 ABA A 3 -3.85 -4.06 -3.58
HG3 ABA A 3 -2.26 -4.75 -3.85
HG2 ABA A 3 -3.70 -5.72 -4.12
N ARG A 4 -0.84 -1.56 -5.26
CA ARG A 4 0.51 -1.30 -4.84
C ARG A 4 0.48 -0.99 -3.34
N CYS A 5 1.14 -1.80 -2.57
CA CYS A 5 1.05 -1.66 -1.13
C CYS A 5 2.20 -0.82 -0.62
N VAL A 6 1.92 -0.04 0.39
CA VAL A 6 2.88 0.86 0.95
C VAL A 6 3.26 0.36 2.33
N CYS A 7 4.52 0.21 2.58
CA CYS A 7 4.95 -0.14 3.90
C CYS A 7 5.54 1.08 4.55
N ARG A 8 5.07 1.35 5.71
CA ARG A 8 5.43 2.54 6.42
C ARG A 8 5.14 2.34 7.88
N ARG A 9 5.99 2.89 8.74
CA ARG A 9 5.83 2.85 10.20
C ARG A 9 6.01 1.40 10.71
N GLY A 10 6.70 0.60 9.91
CA GLY A 10 6.93 -0.77 10.24
C GLY A 10 5.74 -1.64 9.93
N VAL A 11 4.73 -1.08 9.27
CA VAL A 11 3.51 -1.78 8.96
C VAL A 11 3.24 -1.69 7.46
N CYS A 12 2.74 -2.73 6.87
CA CYS A 12 2.40 -2.70 5.47
C CYS A 12 0.92 -2.52 5.29
N ARG A 13 0.56 -1.68 4.37
CA ARG A 13 -0.81 -1.39 4.09
C ARG A 13 -1.04 -1.35 2.59
N CYS A 14 -1.92 -2.19 2.11
CA CYS A 14 -2.25 -2.24 0.72
C CYS A 14 -3.35 -1.27 0.38
N VAL A 15 -3.08 -0.44 -0.58
CA VAL A 15 -4.00 0.54 -1.04
C VAL A 15 -4.13 0.35 -2.53
N ABA A 16 -5.33 0.43 -3.05
CA ABA A 16 -5.53 0.33 -4.47
C ABA A 16 -5.22 1.69 -5.06
O ABA A 16 -6.09 2.56 -5.20
CB ABA A 16 -6.97 -0.12 -4.77
CG ABA A 16 -7.21 -0.43 -6.24
H ABA A 16 -6.10 0.60 -2.47
HA ABA A 16 -4.82 -0.39 -4.85
HB3 ABA A 16 -7.65 0.66 -4.48
HB2 ABA A 16 -7.18 -1.01 -4.21
HG1 ABA A 16 -7.01 0.45 -6.83
HG3 ABA A 16 -8.24 -0.74 -6.37
HG2 ABA A 16 -6.54 -1.22 -6.55
N ARG A 17 -3.97 1.89 -5.37
CA ARG A 17 -3.48 3.15 -5.82
C ARG A 17 -3.62 3.26 -7.31
N ARG A 18 -4.55 4.11 -7.72
CA ARG A 18 -4.87 4.38 -9.12
C ARG A 18 -5.31 3.08 -9.82
N GLY A 1 -6.40 2.35 -9.26
CA GLY A 1 -6.77 1.00 -9.63
C GLY A 1 -5.62 0.02 -9.49
N VAL A 2 -4.45 0.53 -9.20
CA VAL A 2 -3.27 -0.26 -9.08
C VAL A 2 -3.09 -0.70 -7.63
N ABA A 3 -3.08 -1.99 -7.42
CA ABA A 3 -2.87 -2.51 -6.09
C ABA A 3 -1.38 -2.53 -5.80
O ABA A 3 -0.62 -3.31 -6.39
CB ABA A 3 -3.47 -3.92 -5.96
CG ABA A 3 -3.35 -4.51 -4.58
H ABA A 3 -3.21 -2.59 -8.17
HA ABA A 3 -3.35 -1.85 -5.38
HB3 ABA A 3 -2.98 -4.58 -6.66
HB2 ABA A 3 -4.52 -3.86 -6.21
HG1 ABA A 3 -2.31 -4.56 -4.29
HG3 ABA A 3 -3.77 -5.50 -4.57
HG2 ABA A 3 -3.89 -3.89 -3.87
N ARG A 4 -0.97 -1.66 -4.93
CA ARG A 4 0.41 -1.56 -4.55
C ARG A 4 0.50 -1.62 -3.04
N CYS A 5 1.39 -2.39 -2.54
CA CYS A 5 1.57 -2.44 -1.12
C CYS A 5 2.77 -1.64 -0.75
N VAL A 6 2.68 -0.98 0.37
CA VAL A 6 3.73 -0.14 0.86
C VAL A 6 3.78 -0.24 2.37
N CYS A 7 4.93 -0.06 2.95
CA CYS A 7 5.05 -0.12 4.38
C CYS A 7 5.48 1.22 4.91
N ARG A 8 4.86 1.60 5.97
CA ARG A 8 5.11 2.86 6.64
C ARG A 8 5.20 2.61 8.12
N ARG A 9 6.36 2.90 8.70
CA ARG A 9 6.58 2.82 10.16
C ARG A 9 6.51 1.36 10.67
N GLY A 10 6.66 0.42 9.75
CA GLY A 10 6.57 -0.97 10.08
C GLY A 10 5.15 -1.47 9.98
N VAL A 11 4.28 -0.67 9.43
CA VAL A 11 2.91 -1.04 9.19
C VAL A 11 2.75 -1.14 7.69
N CYS A 12 2.32 -2.25 7.22
CA CYS A 12 2.20 -2.44 5.81
C CYS A 12 0.77 -2.34 5.39
N ARG A 13 0.55 -1.55 4.39
CA ARG A 13 -0.77 -1.27 3.88
C ARG A 13 -0.79 -1.50 2.40
N CYS A 14 -1.71 -2.31 1.97
CA CYS A 14 -1.90 -2.49 0.58
C CYS A 14 -2.92 -1.52 0.11
N VAL A 15 -2.52 -0.72 -0.81
CA VAL A 15 -3.36 0.34 -1.28
C VAL A 15 -3.63 0.24 -2.77
N ABA A 16 -4.89 0.16 -3.12
CA ABA A 16 -5.27 0.20 -4.49
C ABA A 16 -5.50 1.64 -4.89
O ABA A 16 -6.52 2.25 -4.58
CB ABA A 16 -6.47 -0.74 -4.82
CG ABA A 16 -7.71 -0.54 -3.96
H ABA A 16 -5.57 0.11 -2.42
HA ABA A 16 -4.40 -0.14 -5.05
HB3 ABA A 16 -6.15 -1.77 -4.71
HB2 ABA A 16 -6.76 -0.57 -5.84
HG1 ABA A 16 -8.49 -1.21 -4.31
HG3 ABA A 16 -8.05 0.48 -4.04
HG2 ABA A 16 -7.48 -0.79 -2.94
N ARG A 17 -4.50 2.20 -5.50
CA ARG A 17 -4.51 3.58 -5.88
C ARG A 17 -4.40 3.64 -7.39
N ARG A 18 -5.32 4.40 -8.01
CA ARG A 18 -5.39 4.52 -9.48
C ARG A 18 -5.76 3.16 -10.09
N GLY A 1 -5.97 2.30 -9.54
CA GLY A 1 -6.36 1.01 -10.04
C GLY A 1 -5.32 -0.07 -9.81
N VAL A 2 -4.23 0.28 -9.17
CA VAL A 2 -3.18 -0.67 -8.88
C VAL A 2 -3.11 -0.94 -7.39
N ABA A 3 -3.31 -2.20 -7.01
CA ABA A 3 -3.23 -2.59 -5.63
C ABA A 3 -1.78 -2.75 -5.25
O ABA A 3 -1.15 -3.80 -5.45
CB ABA A 3 -4.00 -3.90 -5.39
CG ABA A 3 -4.07 -4.35 -3.94
H ABA A 3 -3.52 -2.87 -7.69
HA ABA A 3 -3.66 -1.81 -5.01
HB3 ABA A 3 -3.52 -4.70 -5.96
HB2 ABA A 3 -5.02 -3.79 -5.74
HG1 ABA A 3 -3.07 -4.49 -3.56
HG3 ABA A 3 -4.62 -5.27 -3.86
HG2 ABA A 3 -4.57 -3.58 -3.36
N ARG A 4 -1.22 -1.69 -4.74
CA ARG A 4 0.17 -1.67 -4.38
C ARG A 4 0.26 -1.55 -2.88
N CYS A 5 1.22 -2.20 -2.31
CA CYS A 5 1.36 -2.09 -0.90
C CYS A 5 2.48 -1.13 -0.58
N VAL A 6 2.28 -0.40 0.47
CA VAL A 6 3.22 0.59 0.91
C VAL A 6 3.50 0.37 2.38
N CYS A 7 4.74 0.46 2.77
CA CYS A 7 5.09 0.26 4.15
C CYS A 7 5.37 1.57 4.81
N ARG A 8 4.85 1.71 5.99
CA ARG A 8 4.96 2.91 6.76
C ARG A 8 5.02 2.51 8.24
N ARG A 9 6.11 2.86 8.89
CA ARG A 9 6.36 2.58 10.33
C ARG A 9 6.36 1.06 10.59
N GLY A 10 6.84 0.32 9.62
CA GLY A 10 6.91 -1.12 9.73
C GLY A 10 5.57 -1.79 9.49
N VAL A 11 4.56 -1.02 9.18
CA VAL A 11 3.26 -1.54 8.88
C VAL A 11 3.09 -1.45 7.38
N CYS A 12 2.69 -2.51 6.76
CA CYS A 12 2.53 -2.47 5.35
C CYS A 12 1.08 -2.50 5.01
N ARG A 13 0.68 -1.46 4.37
CA ARG A 13 -0.67 -1.21 4.04
C ARG A 13 -0.87 -1.44 2.57
N CYS A 14 -1.83 -2.23 2.22
CA CYS A 14 -2.08 -2.46 0.84
C CYS A 14 -3.22 -1.60 0.36
N VAL A 15 -2.92 -0.79 -0.60
CA VAL A 15 -3.86 0.18 -1.07
C VAL A 15 -3.95 0.23 -2.61
N ABA A 16 -5.16 0.22 -3.11
CA ABA A 16 -5.38 0.33 -4.53
C ABA A 16 -5.33 1.79 -4.92
O ABA A 16 -6.22 2.57 -4.56
CB ABA A 16 -6.73 -0.31 -4.91
CG ABA A 16 -6.97 -0.36 -6.41
H ABA A 16 -5.93 0.17 -2.51
HA ABA A 16 -4.57 -0.17 -5.04
HB3 ABA A 16 -7.52 0.25 -4.46
HB2 ABA A 16 -6.76 -1.32 -4.53
HG1 ABA A 16 -7.94 -0.81 -6.61
HG3 ABA A 16 -6.20 -0.95 -6.89
HG2 ABA A 16 -6.95 0.64 -6.81
N ARG A 17 -4.28 2.16 -5.58
CA ARG A 17 -4.08 3.52 -6.00
C ARG A 17 -4.03 3.55 -7.50
N ARG A 18 -4.89 4.36 -8.11
CA ARG A 18 -4.96 4.51 -9.56
C ARG A 18 -5.29 3.16 -10.26
N GLY A 1 -6.77 1.93 -9.06
CA GLY A 1 -6.88 0.58 -9.52
C GLY A 1 -5.58 -0.20 -9.39
N VAL A 2 -4.47 0.52 -9.27
CA VAL A 2 -3.16 -0.09 -9.20
C VAL A 2 -2.85 -0.46 -7.75
N ABA A 3 -2.80 -1.73 -7.49
CA ABA A 3 -2.53 -2.21 -6.17
C ABA A 3 -1.04 -2.20 -5.88
O ABA A 3 -0.27 -2.97 -6.48
CB ABA A 3 -3.12 -3.60 -5.95
CG ABA A 3 -2.94 -4.14 -4.54
H ABA A 3 -2.93 -2.37 -8.22
HA ABA A 3 -3.00 -1.53 -5.46
HB3 ABA A 3 -2.65 -4.29 -6.64
HB2 ABA A 3 -4.18 -3.57 -6.15
HG1 ABA A 3 -3.39 -5.12 -4.46
HG3 ABA A 3 -3.42 -3.47 -3.84
HG2 ABA A 3 -1.89 -4.20 -4.31
N ARG A 4 -0.63 -1.31 -5.04
CA ARG A 4 0.73 -1.24 -4.59
C ARG A 4 0.73 -1.37 -3.10
N CYS A 5 1.59 -2.17 -2.57
CA CYS A 5 1.67 -2.27 -1.15
C CYS A 5 2.85 -1.50 -0.66
N VAL A 6 2.69 -0.87 0.46
CA VAL A 6 3.73 -0.09 1.03
C VAL A 6 3.80 -0.32 2.54
N CYS A 7 4.99 -0.54 3.04
CA CYS A 7 5.20 -0.64 4.46
C CYS A 7 5.91 0.57 4.92
N ARG A 8 5.45 1.13 5.97
CA ARG A 8 6.03 2.33 6.50
C ARG A 8 5.80 2.37 7.98
N ARG A 9 6.86 2.64 8.72
CA ARG A 9 6.83 2.76 10.18
C ARG A 9 6.37 1.45 10.85
N GLY A 10 6.60 0.34 10.18
CA GLY A 10 6.25 -0.94 10.72
C GLY A 10 4.83 -1.38 10.37
N VAL A 11 4.10 -0.55 9.66
CA VAL A 11 2.73 -0.90 9.29
C VAL A 11 2.67 -1.01 7.77
N CYS A 12 1.90 -1.93 7.28
CA CYS A 12 1.83 -2.15 5.87
C CYS A 12 0.43 -1.93 5.35
N ARG A 13 0.32 -1.23 4.27
CA ARG A 13 -0.93 -0.99 3.65
C ARG A 13 -0.86 -1.31 2.18
N CYS A 14 -1.80 -2.09 1.74
CA CYS A 14 -1.92 -2.36 0.35
C CYS A 14 -2.94 -1.46 -0.22
N VAL A 15 -2.50 -0.60 -1.05
CA VAL A 15 -3.36 0.42 -1.56
C VAL A 15 -3.66 0.23 -3.03
N ABA A 16 -4.94 0.13 -3.33
CA ABA A 16 -5.40 0.06 -4.69
C ABA A 16 -5.59 1.48 -5.17
O ABA A 16 -6.69 2.04 -5.09
CB ABA A 16 -6.72 -0.73 -4.79
CG ABA A 16 -6.61 -2.18 -4.35
H ABA A 16 -5.61 0.14 -2.61
HA ABA A 16 -4.64 -0.42 -5.30
HB3 ABA A 16 -7.05 -0.73 -5.83
HB2 ABA A 16 -7.47 -0.25 -4.19
HG1 ABA A 16 -6.29 -2.20 -3.32
HG3 ABA A 16 -5.89 -2.69 -4.96
HG2 ABA A 16 -7.58 -2.65 -4.44
N ARG A 17 -4.52 2.06 -5.58
CA ARG A 17 -4.51 3.43 -5.91
C ARG A 17 -4.72 3.56 -7.39
N ARG A 18 -5.88 4.10 -7.77
CA ARG A 18 -6.25 4.28 -9.16
C ARG A 18 -6.34 2.91 -9.84
N GLY A 1 -6.09 2.33 -9.33
CA GLY A 1 -6.62 1.08 -9.76
C GLY A 1 -5.75 -0.11 -9.40
N VAL A 2 -4.53 0.13 -8.97
CA VAL A 2 -3.62 -0.96 -8.69
C VAL A 2 -3.40 -1.11 -7.21
N ABA A 3 -3.62 -2.30 -6.70
CA ABA A 3 -3.39 -2.59 -5.31
C ABA A 3 -1.90 -2.86 -5.11
O ABA A 3 -1.45 -4.00 -5.07
CB ABA A 3 -4.26 -3.78 -4.84
CG ABA A 3 -4.18 -4.06 -3.35
H ABA A 3 -3.94 -3.03 -7.28
HA ABA A 3 -3.64 -1.71 -4.74
HB3 ABA A 3 -3.93 -4.67 -5.37
HB2 ABA A 3 -5.28 -3.59 -5.10
HG1 ABA A 3 -4.81 -4.91 -3.11
HG3 ABA A 3 -4.53 -3.19 -2.81
HG2 ABA A 3 -3.16 -4.27 -3.07
N ARG A 4 -1.16 -1.79 -5.06
CA ARG A 4 0.25 -1.86 -4.85
C ARG A 4 0.55 -1.30 -3.49
N CYS A 5 1.36 -1.98 -2.77
CA CYS A 5 1.51 -1.74 -1.37
C CYS A 5 2.68 -0.84 -1.03
N VAL A 6 2.63 -0.28 0.15
CA VAL A 6 3.69 0.55 0.68
C VAL A 6 3.84 0.27 2.18
N CYS A 7 5.05 0.21 2.67
CA CYS A 7 5.27 -0.03 4.09
C CYS A 7 5.68 1.25 4.77
N ARG A 8 5.09 1.48 5.92
CA ARG A 8 5.33 2.67 6.68
C ARG A 8 5.03 2.40 8.15
N ARG A 9 5.93 2.84 9.03
CA ARG A 9 5.79 2.69 10.49
C ARG A 9 5.74 1.18 10.89
N GLY A 10 6.32 0.34 10.04
CA GLY A 10 6.34 -1.08 10.28
C GLY A 10 5.04 -1.74 9.85
N VAL A 11 4.17 -0.95 9.28
CA VAL A 11 2.90 -1.41 8.84
C VAL A 11 2.92 -1.43 7.34
N CYS A 12 2.66 -2.55 6.77
CA CYS A 12 2.61 -2.62 5.36
C CYS A 12 1.18 -2.49 4.92
N ARG A 13 0.93 -1.48 4.16
CA ARG A 13 -0.39 -1.11 3.79
C ARG A 13 -0.57 -1.25 2.30
N CYS A 14 -1.48 -2.09 1.93
CA CYS A 14 -1.78 -2.23 0.55
C CYS A 14 -2.89 -1.30 0.18
N VAL A 15 -2.60 -0.45 -0.75
CA VAL A 15 -3.50 0.58 -1.15
C VAL A 15 -3.87 0.39 -2.60
N ABA A 16 -5.15 0.37 -2.89
CA ABA A 16 -5.60 0.36 -4.25
C ABA A 16 -5.47 1.77 -4.76
O ABA A 16 -6.34 2.62 -4.53
CB ABA A 16 -7.04 -0.15 -4.35
CG ABA A 16 -7.53 -0.28 -5.79
H ABA A 16 -5.80 0.35 -2.16
HA ABA A 16 -4.93 -0.27 -4.83
HB3 ABA A 16 -7.70 0.54 -3.85
HB2 ABA A 16 -7.11 -1.11 -3.89
HG1 ABA A 16 -7.46 0.68 -6.28
HG3 ABA A 16 -8.55 -0.62 -5.80
HG2 ABA A 16 -6.90 -0.99 -6.32
N ARG A 17 -4.39 2.03 -5.41
CA ARG A 17 -4.05 3.33 -5.86
C ARG A 17 -3.89 3.35 -7.37
N ARG A 18 -4.69 4.19 -7.98
CA ARG A 18 -4.80 4.34 -9.42
C ARG A 18 -5.21 3.00 -10.04
N GLY A 1 -6.19 1.94 -9.11
CA GLY A 1 -6.63 0.65 -9.54
C GLY A 1 -5.62 -0.45 -9.29
N VAL A 2 -4.39 -0.08 -9.08
CA VAL A 2 -3.33 -1.04 -8.85
C VAL A 2 -3.12 -1.21 -7.36
N ABA A 3 -3.16 -2.42 -6.90
CA ABA A 3 -2.94 -2.70 -5.50
C ABA A 3 -1.45 -2.64 -5.19
O ABA A 3 -0.71 -3.61 -5.36
CB ABA A 3 -3.53 -4.06 -5.11
CG ABA A 3 -3.44 -4.39 -3.63
H ABA A 3 -3.32 -3.16 -7.53
HA ABA A 3 -3.45 -1.92 -4.94
HB3 ABA A 3 -3.00 -4.83 -5.66
HB2 ABA A 3 -4.58 -4.09 -5.39
HG1 ABA A 3 -2.41 -4.37 -3.32
HG3 ABA A 3 -3.85 -5.38 -3.44
HG2 ABA A 3 -3.99 -3.66 -3.07
N ARG A 4 -1.01 -1.47 -4.79
CA ARG A 4 0.36 -1.24 -4.45
C ARG A 4 0.43 -1.12 -2.94
N CYS A 5 1.36 -1.77 -2.34
CA CYS A 5 1.43 -1.70 -0.92
C CYS A 5 2.53 -0.77 -0.50
N VAL A 6 2.22 0.04 0.44
CA VAL A 6 3.14 1.01 0.97
C VAL A 6 3.44 0.62 2.39
N CYS A 7 4.69 0.53 2.73
CA CYS A 7 5.06 0.18 4.07
C CYS A 7 5.51 1.40 4.82
N ARG A 8 4.94 1.58 5.96
CA ARG A 8 5.19 2.74 6.78
C ARG A 8 5.16 2.35 8.24
N ARG A 9 6.27 2.58 8.93
CA ARG A 9 6.42 2.33 10.36
C ARG A 9 6.24 0.82 10.66
N GLY A 10 6.68 0.01 9.72
CA GLY A 10 6.62 -1.42 9.86
C GLY A 10 5.27 -1.99 9.49
N VAL A 11 4.36 -1.13 9.11
CA VAL A 11 3.03 -1.55 8.74
C VAL A 11 2.93 -1.46 7.24
N CYS A 12 2.60 -2.53 6.62
CA CYS A 12 2.46 -2.53 5.21
C CYS A 12 0.99 -2.46 4.87
N ARG A 13 0.64 -1.43 4.19
CA ARG A 13 -0.72 -1.16 3.86
C ARG A 13 -0.91 -1.24 2.38
N CYS A 14 -1.81 -2.07 1.94
CA CYS A 14 -2.07 -2.19 0.54
C CYS A 14 -3.16 -1.26 0.13
N VAL A 15 -2.82 -0.38 -0.75
CA VAL A 15 -3.74 0.65 -1.17
C VAL A 15 -4.00 0.51 -2.66
N ABA A 16 -5.23 0.70 -3.04
CA ABA A 16 -5.60 0.67 -4.44
C ABA A 16 -5.17 2.00 -5.06
O ABA A 16 -5.90 3.00 -5.03
CB ABA A 16 -7.11 0.46 -4.59
CG ABA A 16 -7.56 0.31 -6.03
H ABA A 16 -5.93 0.89 -2.38
HA ABA A 16 -5.06 -0.14 -4.91
HB3 ABA A 16 -7.62 1.31 -4.17
HB2 ABA A 16 -7.40 -0.44 -4.06
HG1 ABA A 16 -7.09 -0.55 -6.47
HG3 ABA A 16 -7.28 1.19 -6.59
HG2 ABA A 16 -8.63 0.20 -6.06
N ARG A 17 -3.99 2.01 -5.57
CA ARG A 17 -3.41 3.18 -6.16
C ARG A 17 -3.75 3.20 -7.63
N ARG A 18 -4.78 3.96 -7.97
CA ARG A 18 -5.24 4.15 -9.34
C ARG A 18 -5.66 2.80 -9.95
N GLY A 1 -6.22 2.34 -9.44
CA GLY A 1 -6.59 1.02 -9.89
C GLY A 1 -5.55 -0.04 -9.58
N VAL A 2 -4.34 0.36 -9.27
CA VAL A 2 -3.28 -0.59 -9.03
C VAL A 2 -3.17 -0.89 -7.55
N ABA A 3 -3.29 -2.14 -7.20
CA ABA A 3 -3.13 -2.56 -5.84
C ABA A 3 -1.65 -2.74 -5.57
O ABA A 3 -1.02 -3.68 -6.09
CB ABA A 3 -3.89 -3.85 -5.56
CG ABA A 3 -3.78 -4.33 -4.11
H ABA A 3 -3.45 -2.82 -7.89
HA ABA A 3 -3.49 -1.77 -5.19
HB3 ABA A 3 -3.51 -4.64 -6.20
HB2 ABA A 3 -4.94 -3.70 -5.77
HG1 ABA A 3 -4.32 -5.25 -3.99
HG3 ABA A 3 -4.20 -3.58 -3.46
HG2 ABA A 3 -2.74 -4.49 -3.87
N ARG A 4 -1.10 -1.85 -4.82
CA ARG A 4 0.29 -1.86 -4.50
C ARG A 4 0.41 -1.59 -3.01
N CYS A 5 1.36 -2.20 -2.36
CA CYS A 5 1.43 -2.05 -0.94
C CYS A 5 2.54 -1.09 -0.57
N VAL A 6 2.28 -0.32 0.46
CA VAL A 6 3.21 0.67 0.95
C VAL A 6 3.57 0.32 2.39
N CYS A 7 4.82 0.29 2.70
CA CYS A 7 5.22 0.01 4.06
C CYS A 7 5.68 1.28 4.73
N ARG A 8 5.14 1.53 5.87
CA ARG A 8 5.39 2.73 6.63
C ARG A 8 5.31 2.44 8.12
N ARG A 9 6.31 2.89 8.86
CA ARG A 9 6.36 2.84 10.33
C ARG A 9 6.29 1.38 10.89
N GLY A 10 6.58 0.43 10.05
CA GLY A 10 6.59 -0.93 10.47
C GLY A 10 5.30 -1.66 10.18
N VAL A 11 4.47 -1.07 9.34
CA VAL A 11 3.25 -1.70 8.93
C VAL A 11 3.11 -1.55 7.41
N CYS A 12 2.58 -2.53 6.76
CA CYS A 12 2.43 -2.48 5.34
C CYS A 12 0.97 -2.40 5.00
N ARG A 13 0.63 -1.38 4.30
CA ARG A 13 -0.69 -1.09 3.92
C ARG A 13 -0.85 -1.32 2.44
N CYS A 14 -1.65 -2.27 2.10
CA CYS A 14 -1.97 -2.51 0.74
C CYS A 14 -3.09 -1.63 0.32
N VAL A 15 -2.85 -0.87 -0.70
CA VAL A 15 -3.79 0.12 -1.13
C VAL A 15 -3.99 0.07 -2.65
N ABA A 16 -5.18 0.36 -3.10
CA ABA A 16 -5.48 0.38 -4.50
C ABA A 16 -5.43 1.81 -4.99
O ABA A 16 -6.37 2.59 -4.80
CB ABA A 16 -6.87 -0.24 -4.77
CG ABA A 16 -7.22 -0.33 -6.24
H ABA A 16 -5.90 0.56 -2.46
HA ABA A 16 -4.73 -0.19 -5.02
HB3 ABA A 16 -7.62 0.36 -4.27
HB2 ABA A 16 -6.88 -1.23 -4.36
HG1 ABA A 16 -6.49 -0.94 -6.75
HG3 ABA A 16 -7.24 0.67 -6.66
HG2 ABA A 16 -8.20 -0.77 -6.34
N ARG A 17 -4.33 2.17 -5.58
CA ARG A 17 -4.12 3.52 -6.04
C ARG A 17 -4.07 3.57 -7.55
N ARG A 18 -4.99 4.36 -8.09
CA ARG A 18 -5.22 4.52 -9.51
C ARG A 18 -5.46 3.15 -10.15
N GLY A 1 -5.62 2.47 -9.39
CA GLY A 1 -6.29 1.25 -9.78
C GLY A 1 -5.49 0.00 -9.45
N VAL A 2 -4.24 0.18 -9.05
CA VAL A 2 -3.35 -0.93 -8.82
C VAL A 2 -3.18 -1.15 -7.31
N ABA A 3 -3.17 -2.39 -6.89
CA ABA A 3 -3.05 -2.70 -5.48
C ABA A 3 -1.57 -2.66 -5.06
O ABA A 3 -0.89 -3.69 -4.98
CB ABA A 3 -3.69 -4.06 -5.17
CG ABA A 3 -3.73 -4.41 -3.68
H ABA A 3 -3.22 -3.13 -7.53
HA ABA A 3 -3.56 -1.93 -4.93
HB3 ABA A 3 -3.15 -4.84 -5.68
HB2 ABA A 3 -4.71 -4.05 -5.53
HG1 ABA A 3 -4.19 -5.37 -3.55
HG3 ABA A 3 -4.29 -3.66 -3.14
HG2 ABA A 3 -2.72 -4.45 -3.30
N ARG A 4 -1.09 -1.47 -4.82
CA ARG A 4 0.28 -1.29 -4.40
C ARG A 4 0.31 -1.28 -2.90
N CYS A 5 1.33 -1.78 -2.32
CA CYS A 5 1.39 -1.81 -0.91
C CYS A 5 2.36 -0.79 -0.42
N VAL A 6 1.92 -0.03 0.50
CA VAL A 6 2.69 1.03 1.08
C VAL A 6 3.05 0.65 2.51
N CYS A 7 4.26 0.92 2.92
CA CYS A 7 4.69 0.59 4.25
C CYS A 7 5.13 1.82 4.97
N ARG A 8 4.74 1.92 6.20
CA ARG A 8 5.10 3.03 7.06
C ARG A 8 5.42 2.49 8.44
N ARG A 9 6.65 2.73 8.86
CA ARG A 9 7.21 2.28 10.14
C ARG A 9 7.23 0.73 10.24
N GLY A 10 7.08 0.07 9.11
CA GLY A 10 7.06 -1.36 9.09
C GLY A 10 5.66 -1.91 9.07
N VAL A 11 4.68 -1.03 9.10
CA VAL A 11 3.31 -1.44 9.01
C VAL A 11 2.88 -1.20 7.59
N CYS A 12 2.39 -2.20 6.95
CA CYS A 12 2.12 -2.13 5.56
C CYS A 12 0.64 -2.21 5.30
N ARG A 13 0.23 -1.60 4.24
CA ARG A 13 -1.11 -1.63 3.81
C ARG A 13 -1.15 -1.71 2.30
N CYS A 14 -1.93 -2.62 1.80
CA CYS A 14 -2.09 -2.73 0.38
C CYS A 14 -3.30 -1.96 -0.02
N VAL A 15 -3.06 -0.96 -0.80
CA VAL A 15 -4.11 -0.05 -1.17
C VAL A 15 -4.20 0.09 -2.69
N ABA A 16 -5.42 0.07 -3.19
CA ABA A 16 -5.66 0.17 -4.61
C ABA A 16 -5.57 1.62 -5.05
O ABA A 16 -6.56 2.36 -5.09
CB ABA A 16 -7.01 -0.44 -4.99
CG ABA A 16 -7.13 -1.92 -4.69
H ABA A 16 -6.20 0.00 -2.59
HA ABA A 16 -4.88 -0.38 -5.11
HB3 ABA A 16 -7.19 -0.29 -6.05
HB2 ABA A 16 -7.78 0.07 -4.43
HG1 ABA A 16 -6.37 -2.45 -5.23
HG3 ABA A 16 -8.10 -2.28 -4.99
HG2 ABA A 16 -6.99 -2.08 -3.63
N ARG A 17 -4.37 2.01 -5.38
CA ARG A 17 -4.07 3.33 -5.82
C ARG A 17 -3.69 3.30 -7.27
N ARG A 18 -4.24 4.22 -8.05
CA ARG A 18 -4.05 4.28 -9.50
C ARG A 18 -4.69 3.02 -10.13
N GLY A 1 -6.11 1.93 -9.27
CA GLY A 1 -6.30 0.72 -10.02
C GLY A 1 -5.26 -0.33 -9.73
N VAL A 2 -4.09 0.08 -9.31
CA VAL A 2 -3.00 -0.83 -9.06
C VAL A 2 -2.93 -1.11 -7.57
N ABA A 3 -3.07 -2.35 -7.18
CA ABA A 3 -3.00 -2.68 -5.78
C ABA A 3 -1.54 -2.72 -5.35
O ABA A 3 -0.84 -3.72 -5.57
CB ABA A 3 -3.72 -3.99 -5.47
CG ABA A 3 -3.82 -4.29 -3.98
H ABA A 3 -3.16 -3.07 -7.84
HA ABA A 3 -3.47 -1.87 -5.25
HB3 ABA A 3 -3.18 -4.80 -5.93
HB2 ABA A 3 -4.73 -3.95 -5.86
HG1 ABA A 3 -2.83 -4.35 -3.56
HG3 ABA A 3 -4.35 -5.21 -3.82
HG2 ABA A 3 -4.35 -3.48 -3.49
N ARG A 4 -1.08 -1.65 -4.79
CA ARG A 4 0.28 -1.49 -4.39
C ARG A 4 0.31 -1.29 -2.90
N CYS A 5 1.22 -1.91 -2.23
CA CYS A 5 1.27 -1.78 -0.81
C CYS A 5 2.34 -0.80 -0.42
N VAL A 6 1.98 0.07 0.46
CA VAL A 6 2.83 1.14 0.94
C VAL A 6 3.26 0.79 2.36
N CYS A 7 4.52 0.84 2.63
CA CYS A 7 5.02 0.44 3.94
C CYS A 7 5.58 1.61 4.69
N ARG A 8 5.31 1.64 5.98
CA ARG A 8 5.83 2.67 6.87
C ARG A 8 5.64 2.25 8.31
N ARG A 9 6.63 2.55 9.15
CA ARG A 9 6.60 2.31 10.59
C ARG A 9 6.38 0.82 10.92
N GLY A 10 6.88 -0.04 10.06
CA GLY A 10 6.82 -1.45 10.30
C GLY A 10 5.54 -2.10 9.83
N VAL A 11 4.66 -1.34 9.20
CA VAL A 11 3.42 -1.89 8.70
C VAL A 11 3.27 -1.56 7.24
N CYS A 12 2.43 -2.30 6.56
CA CYS A 12 2.23 -2.08 5.17
C CYS A 12 0.75 -2.04 4.89
N ARG A 13 0.32 -1.05 4.19
CA ARG A 13 -1.06 -0.91 3.82
C ARG A 13 -1.20 -1.10 2.34
N CYS A 14 -2.05 -2.01 1.96
CA CYS A 14 -2.27 -2.24 0.56
C CYS A 14 -3.34 -1.34 0.05
N VAL A 15 -2.95 -0.52 -0.88
CA VAL A 15 -3.79 0.52 -1.40
C VAL A 15 -4.18 0.20 -2.83
N ABA A 16 -5.42 0.47 -3.16
CA ABA A 16 -5.83 0.42 -4.53
C ABA A 16 -5.39 1.73 -5.17
O ABA A 16 -6.15 2.69 -5.32
CB ABA A 16 -7.35 0.13 -4.69
CG ABA A 16 -8.29 1.02 -3.88
H ABA A 16 -6.05 0.76 -2.47
HA ABA A 16 -5.25 -0.37 -4.99
HB3 ABA A 16 -7.54 -0.90 -4.39
HB2 ABA A 16 -7.62 0.24 -5.72
HG1 ABA A 16 -8.09 0.88 -2.83
HG3 ABA A 16 -9.31 0.76 -4.10
HG2 ABA A 16 -8.11 2.05 -4.14
N ARG A 17 -4.14 1.76 -5.52
CA ARG A 17 -3.43 2.92 -5.97
C ARG A 17 -3.79 3.18 -7.41
N ARG A 18 -4.92 3.84 -7.59
CA ARG A 18 -5.48 4.22 -8.88
C ARG A 18 -5.59 2.99 -9.81
N GLY A 1 -6.44 1.32 -9.90
CA GLY A 1 -6.52 -0.07 -10.21
C GLY A 1 -5.35 -0.88 -9.70
N VAL A 2 -4.21 -0.23 -9.42
CA VAL A 2 -3.05 -0.96 -8.99
C VAL A 2 -2.95 -0.98 -7.49
N ABA A 3 -2.66 -2.15 -6.95
CA ABA A 3 -2.49 -2.31 -5.54
C ABA A 3 -1.09 -1.89 -5.11
O ABA A 3 -0.15 -2.69 -5.08
CB ABA A 3 -2.87 -3.74 -5.05
CG ABA A 3 -2.16 -4.87 -5.78
H ABA A 3 -2.55 -2.92 -7.54
HA ABA A 3 -3.17 -1.61 -5.08
HB3 ABA A 3 -3.93 -3.86 -5.17
HB2 ABA A 3 -2.62 -3.82 -4.00
HG1 ABA A 3 -2.47 -5.82 -5.36
HG3 ABA A 3 -1.09 -4.77 -5.67
HG2 ABA A 3 -2.42 -4.86 -6.82
N ARG A 4 -0.95 -0.64 -4.84
CA ARG A 4 0.29 -0.08 -4.39
C ARG A 4 0.40 -0.30 -2.91
N CYS A 5 1.32 -1.10 -2.50
CA CYS A 5 1.45 -1.33 -1.11
C CYS A 5 2.57 -0.52 -0.56
N VAL A 6 2.34 0.04 0.56
CA VAL A 6 3.27 0.89 1.23
C VAL A 6 3.50 0.33 2.62
N CYS A 7 4.72 0.29 3.04
CA CYS A 7 5.02 -0.15 4.37
C CYS A 7 5.82 0.92 5.07
N ARG A 8 5.41 1.24 6.25
CA ARG A 8 6.01 2.29 7.01
C ARG A 8 6.02 1.96 8.48
N ARG A 9 7.18 2.08 9.10
CA ARG A 9 7.40 1.83 10.53
C ARG A 9 7.01 0.38 10.91
N GLY A 10 7.12 -0.51 9.95
CA GLY A 10 6.79 -1.90 10.19
C GLY A 10 5.31 -2.20 9.99
N VAL A 11 4.56 -1.21 9.55
CA VAL A 11 3.14 -1.39 9.30
C VAL A 11 2.92 -1.33 7.80
N CYS A 12 2.12 -2.19 7.27
CA CYS A 12 1.91 -2.19 5.84
C CYS A 12 0.48 -1.87 5.50
N ARG A 13 0.29 -1.22 4.39
CA ARG A 13 -1.02 -0.88 3.91
C ARG A 13 -1.04 -0.99 2.39
N CYS A 14 -1.88 -1.84 1.89
CA CYS A 14 -2.05 -1.93 0.47
C CYS A 14 -3.15 -1.03 0.03
N VAL A 15 -2.83 -0.12 -0.82
CA VAL A 15 -3.79 0.82 -1.30
C VAL A 15 -4.00 0.71 -2.81
N ABA A 16 -5.20 0.39 -3.20
CA ABA A 16 -5.55 0.27 -4.59
C ABA A 16 -5.76 1.66 -5.16
O ABA A 16 -6.71 2.34 -4.80
CB ABA A 16 -6.80 -0.61 -4.78
CG ABA A 16 -7.18 -0.84 -6.23
H ABA A 16 -5.90 0.24 -2.52
HA ABA A 16 -4.72 -0.18 -5.11
HB3 ABA A 16 -7.63 -0.13 -4.28
HB2 ABA A 16 -6.62 -1.57 -4.33
HG1 ABA A 16 -6.37 -1.32 -6.74
HG3 ABA A 16 -7.39 0.11 -6.70
HG2 ABA A 16 -8.06 -1.47 -6.28
N ARG A 17 -4.86 2.08 -5.99
CA ARG A 17 -4.90 3.38 -6.59
C ARG A 17 -4.84 3.21 -8.09
N ARG A 18 -5.87 3.67 -8.78
CA ARG A 18 -5.93 3.64 -10.25
C ARG A 18 -5.92 2.18 -10.74
N GLY A 1 -5.71 3.03 -8.80
CA GLY A 1 -6.41 1.89 -9.30
C GLY A 1 -5.64 0.59 -9.15
N VAL A 2 -4.36 0.65 -8.83
CA VAL A 2 -3.58 -0.55 -8.73
C VAL A 2 -3.30 -0.89 -7.27
N ABA A 3 -3.56 -2.12 -6.90
CA ABA A 3 -3.30 -2.60 -5.56
C ABA A 3 -1.80 -2.71 -5.34
O ABA A 3 -1.17 -3.69 -5.73
CB ABA A 3 -4.00 -3.93 -5.29
CG ABA A 3 -3.86 -4.43 -3.85
H ABA A 3 -3.93 -2.74 -7.56
HA ABA A 3 -3.67 -1.85 -4.87
HB3 ABA A 3 -3.60 -4.69 -5.95
HB2 ABA A 3 -5.06 -3.81 -5.48
HG1 ABA A 3 -4.30 -3.71 -3.18
HG3 ABA A 3 -2.81 -4.55 -3.62
HG2 ABA A 3 -4.36 -5.38 -3.76
N ARG A 4 -1.26 -1.70 -4.78
CA ARG A 4 0.12 -1.60 -4.52
C ARG A 4 0.32 -1.72 -3.03
N CYS A 5 1.22 -2.52 -2.60
CA CYS A 5 1.42 -2.62 -1.20
C CYS A 5 2.55 -1.73 -0.80
N VAL A 6 2.34 -1.02 0.25
CA VAL A 6 3.29 -0.04 0.72
C VAL A 6 3.62 -0.31 2.17
N CYS A 7 4.89 -0.26 2.50
CA CYS A 7 5.30 -0.36 3.87
C CYS A 7 5.71 1.00 4.33
N ARG A 8 5.13 1.40 5.41
CA ARG A 8 5.28 2.74 5.94
C ARG A 8 4.72 2.75 7.33
N ARG A 9 5.27 3.60 8.20
CA ARG A 9 4.81 3.75 9.59
C ARG A 9 5.10 2.45 10.40
N GLY A 10 5.95 1.62 9.83
CA GLY A 10 6.33 0.39 10.43
C GLY A 10 5.47 -0.78 10.00
N VAL A 11 4.45 -0.54 9.22
CA VAL A 11 3.55 -1.60 8.81
C VAL A 11 3.40 -1.62 7.31
N CYS A 12 2.79 -2.64 6.81
CA CYS A 12 2.59 -2.74 5.39
C CYS A 12 1.13 -2.86 5.11
N ARG A 13 0.68 -2.13 4.12
CA ARG A 13 -0.71 -2.13 3.74
C ARG A 13 -0.82 -2.26 2.25
N CYS A 14 -1.71 -3.09 1.80
CA CYS A 14 -1.99 -3.18 0.43
C CYS A 14 -3.12 -2.25 0.11
N VAL A 15 -2.83 -1.30 -0.72
CA VAL A 15 -3.76 -0.24 -1.01
C VAL A 15 -3.86 0.02 -2.52
N ABA A 16 -5.08 0.20 -2.99
CA ABA A 16 -5.33 0.47 -4.38
C ABA A 16 -5.08 1.92 -4.69
O ABA A 16 -5.98 2.77 -4.55
CB ABA A 16 -6.75 0.06 -4.78
CG ABA A 16 -7.05 -1.41 -4.62
H ABA A 16 -5.84 0.17 -2.38
HA ABA A 16 -4.64 -0.11 -4.98
HB3 ABA A 16 -6.92 0.32 -5.82
HB2 ABA A 16 -7.45 0.61 -4.17
HG1 ABA A 16 -8.08 -1.61 -4.88
HG3 ABA A 16 -6.89 -1.69 -3.60
HG2 ABA A 16 -6.39 -1.98 -5.26
N ARG A 17 -3.89 2.24 -5.08
CA ARG A 17 -3.52 3.58 -5.40
C ARG A 17 -3.45 3.70 -6.88
N ARG A 18 -4.16 4.69 -7.41
CA ARG A 18 -4.23 4.93 -8.86
C ARG A 18 -4.86 3.70 -9.55
N GLY A 1 -5.67 2.56 -9.45
CA GLY A 1 -6.38 1.35 -9.81
C GLY A 1 -5.49 0.12 -9.69
N VAL A 2 -4.41 0.26 -8.98
CA VAL A 2 -3.46 -0.80 -8.79
C VAL A 2 -3.39 -1.09 -7.30
N ABA A 3 -3.54 -2.32 -6.93
CA ABA A 3 -3.40 -2.69 -5.55
C ABA A 3 -1.91 -2.84 -5.25
O ABA A 3 -1.33 -3.92 -5.39
CB ABA A 3 -4.16 -3.99 -5.23
CG ABA A 3 -4.16 -4.37 -3.77
H ABA A 3 -3.73 -3.02 -7.59
HA ABA A 3 -3.79 -1.88 -4.95
HB3 ABA A 3 -3.73 -4.81 -5.79
HB2 ABA A 3 -5.20 -3.87 -5.54
HG1 ABA A 3 -3.15 -4.51 -3.43
HG3 ABA A 3 -4.73 -5.29 -3.62
HG2 ABA A 3 -4.63 -3.57 -3.19
N ARG A 4 -1.30 -1.74 -4.91
CA ARG A 4 0.10 -1.71 -4.60
C ARG A 4 0.26 -1.49 -3.13
N CYS A 5 1.26 -2.06 -2.56
CA CYS A 5 1.41 -2.02 -1.16
C CYS A 5 2.45 -1.00 -0.75
N VAL A 6 2.13 -0.31 0.30
CA VAL A 6 2.95 0.73 0.85
C VAL A 6 3.27 0.32 2.28
N CYS A 7 4.34 0.82 2.81
CA CYS A 7 4.71 0.51 4.16
C CYS A 7 5.05 1.79 4.89
N ARG A 8 4.67 1.86 6.13
CA ARG A 8 4.89 3.03 6.93
C ARG A 8 5.10 2.59 8.36
N ARG A 9 6.25 2.99 8.93
CA ARG A 9 6.63 2.69 10.31
C ARG A 9 6.62 1.16 10.57
N GLY A 10 7.00 0.41 9.56
CA GLY A 10 7.06 -1.02 9.69
C GLY A 10 5.73 -1.71 9.42
N VAL A 11 4.67 -0.95 9.28
CA VAL A 11 3.37 -1.52 9.04
C VAL A 11 3.07 -1.39 7.57
N CYS A 12 2.71 -2.45 6.95
CA CYS A 12 2.49 -2.44 5.54
C CYS A 12 1.02 -2.53 5.23
N ARG A 13 0.62 -1.86 4.20
CA ARG A 13 -0.74 -1.76 3.83
C ARG A 13 -0.89 -1.85 2.31
N CYS A 14 -1.80 -2.67 1.86
CA CYS A 14 -2.04 -2.77 0.44
C CYS A 14 -3.20 -1.93 0.06
N VAL A 15 -2.92 -0.93 -0.71
CA VAL A 15 -3.90 0.08 -1.04
C VAL A 15 -4.10 0.15 -2.54
N ABA A 16 -5.32 0.35 -2.94
CA ABA A 16 -5.62 0.51 -4.33
C ABA A 16 -5.39 1.96 -4.71
O ABA A 16 -6.14 2.86 -4.27
CB ABA A 16 -7.07 0.08 -4.63
CG ABA A 16 -7.42 0.07 -6.10
H ABA A 16 -6.05 0.39 -2.28
HA ABA A 16 -4.95 -0.11 -4.90
HB3 ABA A 16 -7.74 0.76 -4.12
HB2 ABA A 16 -7.23 -0.92 -4.25
HG1 ABA A 16 -8.44 -0.23 -6.23
HG3 ABA A 16 -6.78 -0.62 -6.61
HG2 ABA A 16 -7.28 1.06 -6.50
N ARG A 17 -4.33 2.19 -5.44
CA ARG A 17 -3.94 3.50 -5.88
C ARG A 17 -3.65 3.40 -7.34
N ARG A 18 -4.20 4.32 -8.14
CA ARG A 18 -4.03 4.31 -9.61
C ARG A 18 -4.74 3.08 -10.21
#